data_3STU
#
_entry.id   3STU
#
_cell.length_a   48.197
_cell.length_b   105.716
_cell.length_c   59.888
_cell.angle_alpha   90.00
_cell.angle_beta   96.51
_cell.angle_gamma   90.00
#
_symmetry.space_group_name_H-M   'P 1 21 1'
#
loop_
_entity.id
_entity.type
_entity.pdbx_description
1 polymer 'Methylketone synthase 1'
2 non-polymer 'DECANOIC ACID'
3 non-polymer 'methyl (3S)-3-hydroxydodecanoate'
4 water water
#
_entity_poly.entity_id   1
_entity_poly.type   'polypeptide(L)'
_entity_poly.pdbx_seq_one_letter_code
;GSMEKSMSPFVKKHFVLVHTAFHGAWCWYKIVALMRSSGHNVTALDLGASGINPKQALQIPNFSDYLSPLMEFMASLPAN
EKIILVGHALGGLAISKAMETFPEKISVAVFLSGLMPGPNIDATTVCTKAGSAVLGQLDNCVTYENGPTNPPTTLIAGPK
FLATNVYHLSPIEDLALATALVRPLYLYLAEDISKEVVLSSKRYGSVKRVFIVATENDALKKEFLKLMIEKNPPDEVKEI
EGSDHVTMMSKPQQLFTTLLSIANKYK
;
_entity_poly.pdbx_strand_id   A,B
#
loop_
_chem_comp.id
_chem_comp.type
_chem_comp.name
_chem_comp.formula
DK3 non-polymer 'methyl (3S)-3-hydroxydodecanoate' 'C13 H26 O3'
DKA non-polymer 'DECANOIC ACID' 'C10 H20 O2'
#
# COMPACT_ATOMS: atom_id res chain seq x y z
N PHE A 10 26.15 10.62 -17.75
CA PHE A 10 25.20 10.22 -16.67
C PHE A 10 25.63 10.76 -15.29
N VAL A 11 24.84 11.68 -14.76
CA VAL A 11 25.03 12.23 -13.41
C VAL A 11 23.95 11.66 -12.50
N LYS A 12 24.36 11.02 -11.40
CA LYS A 12 23.41 10.43 -10.45
C LYS A 12 22.70 11.51 -9.64
N LYS A 13 21.37 11.42 -9.61
CA LYS A 13 20.54 12.42 -8.95
C LYS A 13 19.66 11.79 -7.87
N HIS A 14 19.17 12.62 -6.96
CA HIS A 14 18.30 12.16 -5.87
C HIS A 14 16.93 12.82 -5.94
N PHE A 15 15.94 12.03 -6.33
CA PHE A 15 14.55 12.51 -6.39
C PHE A 15 13.87 12.17 -5.08
N VAL A 16 13.14 13.14 -4.55
CA VAL A 16 12.34 12.94 -3.33
C VAL A 16 10.89 13.22 -3.70
N LEU A 17 10.04 12.21 -3.52
CA LEU A 17 8.67 12.27 -4.04
C LEU A 17 7.64 12.36 -2.90
N VAL A 18 6.73 13.31 -3.02
CA VAL A 18 5.77 13.64 -1.96
C VAL A 18 4.35 13.59 -2.52
N HIS A 19 3.56 12.67 -1.96
CA HIS A 19 2.21 12.36 -2.44
C HIS A 19 1.18 13.39 -2.02
N THR A 20 -0.06 13.18 -2.49
CA THR A 20 -1.18 14.05 -2.17
C THR A 20 -2.08 13.43 -1.08
N ALA A 21 -3.20 14.09 -0.81
CA ALA A 21 -4.21 13.60 0.14
C ALA A 21 -4.62 12.15 -0.09
N PHE A 22 -4.77 11.41 1.01
CA PHE A 22 -5.24 10.02 1.03
C PHE A 22 -4.19 9.01 0.59
N HIS A 23 -3.15 9.49 -0.11
CA HIS A 23 -2.18 8.60 -0.71
C HIS A 23 -0.94 8.39 0.17
N GLY A 24 0.07 7.76 -0.38
CA GLY A 24 1.29 7.46 0.36
C GLY A 24 2.43 7.25 -0.61
N ALA A 25 3.58 6.87 -0.08
CA ALA A 25 4.76 6.54 -0.90
C ALA A 25 4.42 5.52 -1.98
N TRP A 26 3.51 4.59 -1.66
CA TRP A 26 3.12 3.52 -2.57
C TRP A 26 2.65 4.00 -3.94
N CYS A 27 2.06 5.19 -4.00
CA CYS A 27 1.44 5.63 -5.25
C CYS A 27 2.49 5.93 -6.32
N TRP A 28 3.72 6.19 -5.91
CA TRP A 28 4.83 6.46 -6.82
C TRP A 28 5.54 5.22 -7.35
N TYR A 29 5.01 4.02 -7.06
CA TYR A 29 5.77 2.77 -7.33
C TYR A 29 6.28 2.59 -8.76
N LYS A 30 5.53 3.05 -9.75
CA LYS A 30 5.96 2.94 -11.14
C LYS A 30 7.15 3.84 -11.40
N ILE A 31 7.10 5.04 -10.83
CA ILE A 31 8.16 6.04 -10.97
C ILE A 31 9.43 5.59 -10.24
N VAL A 32 9.25 5.14 -8.99
CA VAL A 32 10.35 4.63 -8.17
C VAL A 32 11.12 3.52 -8.89
N ALA A 33 10.38 2.60 -9.50
CA ALA A 33 10.97 1.49 -10.26
C ALA A 33 11.79 1.99 -11.45
N LEU A 34 11.27 2.97 -12.19
CA LEU A 34 11.96 3.50 -13.36
C LEU A 34 13.22 4.25 -12.98
N MET A 35 13.14 4.97 -11.85
CA MET A 35 14.28 5.72 -11.33
C MET A 35 15.39 4.79 -10.83
N ARG A 36 15.02 3.78 -10.04
CA ARG A 36 16.00 2.82 -9.53
C ARG A 36 16.71 2.01 -10.61
N SER A 37 15.98 1.61 -11.64
CA SER A 37 16.62 0.85 -12.72
C SER A 37 17.46 1.73 -13.66
N SER A 38 17.15 3.03 -13.73
CA SER A 38 17.99 3.97 -14.49
C SER A 38 19.23 4.43 -13.70
N GLY A 39 19.36 3.98 -12.45
CA GLY A 39 20.54 4.27 -11.62
C GLY A 39 20.46 5.47 -10.71
N HIS A 40 19.28 6.09 -10.60
CA HIS A 40 19.13 7.28 -9.76
C HIS A 40 18.70 6.94 -8.34
N ASN A 41 19.00 7.82 -7.40
CA ASN A 41 18.51 7.67 -6.05
C ASN A 41 17.10 8.25 -5.99
N VAL A 42 16.22 7.57 -5.27
CA VAL A 42 14.85 8.01 -5.08
C VAL A 42 14.34 7.70 -3.67
N THR A 43 13.73 8.70 -3.05
CA THR A 43 13.06 8.56 -1.77
C THR A 43 11.60 8.95 -1.98
N ALA A 44 10.70 8.00 -1.77
CA ALA A 44 9.26 8.28 -1.73
C ALA A 44 8.82 8.21 -0.28
N LEU A 45 8.27 9.31 0.22
CA LEU A 45 7.96 9.46 1.64
C LEU A 45 6.48 9.27 1.94
N ASP A 46 6.16 8.65 3.09
CA ASP A 46 4.82 8.73 3.66
C ASP A 46 4.79 9.95 4.57
N LEU A 47 3.85 10.87 4.29
CA LEU A 47 3.56 11.95 5.23
C LEU A 47 2.78 11.37 6.41
N GLY A 48 2.44 12.20 7.39
CA GLY A 48 1.76 11.74 8.60
C GLY A 48 0.45 11.00 8.30
N ALA A 49 0.26 9.86 8.97
CA ALA A 49 -0.92 9.02 8.81
C ALA A 49 -1.28 8.66 7.36
N SER A 50 -0.24 8.48 6.55
CA SER A 50 -0.37 8.13 5.13
C SER A 50 0.44 6.87 4.85
N GLY A 51 -0.02 6.03 3.92
CA GLY A 51 0.66 4.78 3.61
C GLY A 51 0.84 3.96 4.88
N ILE A 52 2.08 3.61 5.19
CA ILE A 52 2.38 2.82 6.39
C ILE A 52 2.99 3.66 7.52
N ASN A 53 2.86 4.98 7.44
CA ASN A 53 3.20 5.81 8.58
C ASN A 53 2.38 5.37 9.79
N PRO A 54 3.03 5.18 10.97
CA PRO A 54 2.35 4.60 12.13
C PRO A 54 1.29 5.48 12.81
N LYS A 55 1.32 6.78 12.58
CA LYS A 55 0.29 7.68 13.14
C LYS A 55 -1.09 7.44 12.50
N GLN A 56 -2.14 7.60 13.30
CA GLN A 56 -3.51 7.66 12.77
C GLN A 56 -3.91 9.12 12.64
N ALA A 57 -4.88 9.42 11.79
CA ALA A 57 -5.26 10.81 11.49
C ALA A 57 -5.58 11.66 12.74
N LEU A 58 -6.28 11.07 13.69
CA LEU A 58 -6.61 11.75 14.94
C LEU A 58 -5.41 12.10 15.82
N GLN A 59 -4.28 11.43 15.58
CA GLN A 59 -3.05 11.72 16.30
C GLN A 59 -2.24 12.86 15.69
N ILE A 60 -2.64 13.33 14.51
CA ILE A 60 -1.90 14.41 13.86
C ILE A 60 -2.79 15.62 13.48
N PRO A 61 -3.46 16.21 14.48
CA PRO A 61 -4.42 17.28 14.19
C PRO A 61 -3.79 18.63 13.80
N ASN A 62 -2.47 18.76 13.95
CA ASN A 62 -1.73 19.94 13.49
C ASN A 62 -1.02 19.69 12.17
N PHE A 63 -1.06 20.67 11.27
CA PHE A 63 -0.46 20.52 9.95
C PHE A 63 1.04 20.22 10.01
N SER A 64 1.74 20.77 11.01
CA SER A 64 3.15 20.43 11.23
C SER A 64 3.36 18.94 11.48
N ASP A 65 2.39 18.30 12.14
CA ASP A 65 2.44 16.85 12.39
C ASP A 65 2.33 16.07 11.07
N TYR A 66 1.49 16.53 10.16
CA TYR A 66 1.35 15.91 8.83
C TYR A 66 2.66 16.01 8.05
N LEU A 67 3.34 17.15 8.17
CA LEU A 67 4.55 17.44 7.40
C LEU A 67 5.85 16.85 7.97
N SER A 68 5.83 16.38 9.21
CA SER A 68 7.06 16.04 9.92
C SER A 68 7.94 14.98 9.25
N PRO A 69 7.33 13.94 8.61
CA PRO A 69 8.20 13.00 7.90
C PRO A 69 9.05 13.62 6.80
N LEU A 70 8.53 14.66 6.14
CA LEU A 70 9.32 15.37 5.13
C LEU A 70 10.35 16.29 5.78
N MET A 71 9.94 16.98 6.85
CA MET A 71 10.81 17.93 7.53
C MET A 71 11.96 17.22 8.26
N GLU A 72 11.68 16.06 8.85
CA GLU A 72 12.73 15.23 9.44
C GLU A 72 13.72 14.74 8.37
N PHE A 73 13.19 14.22 7.26
CA PHE A 73 14.03 13.81 6.14
C PHE A 73 14.92 14.95 5.63
N MET A 74 14.32 16.13 5.42
CA MET A 74 15.08 17.30 4.98
C MET A 74 16.18 17.69 5.98
N ALA A 75 15.88 17.57 7.28
CA ALA A 75 16.85 17.90 8.34
C ALA A 75 18.03 16.94 8.33
N SER A 76 17.78 15.68 7.97
CA SER A 76 18.81 14.65 7.98
C SER A 76 19.79 14.73 6.78
N LEU A 77 19.48 15.61 5.83
CA LEU A 77 20.28 15.77 4.62
C LEU A 77 21.48 16.67 4.84
N PRO A 78 22.70 16.13 4.65
CA PRO A 78 23.85 17.03 4.55
C PRO A 78 23.61 18.05 3.43
N ALA A 79 24.01 19.30 3.66
CA ALA A 79 23.68 20.41 2.76
C ALA A 79 24.23 20.25 1.34
N ASN A 80 25.29 19.47 1.21
CA ASN A 80 25.92 19.19 -0.08
C ASN A 80 25.15 18.15 -0.92
N GLU A 81 24.29 17.38 -0.27
CA GLU A 81 23.54 16.33 -0.95
C GLU A 81 22.18 16.84 -1.45
N LYS A 82 22.23 17.55 -2.60
CA LYS A 82 21.07 18.22 -3.19
C LYS A 82 20.02 17.27 -3.76
N ILE A 83 18.76 17.70 -3.75
CA ILE A 83 17.65 16.87 -4.21
C ILE A 83 16.77 17.56 -5.25
N ILE A 84 16.09 16.75 -6.07
CA ILE A 84 14.97 17.23 -6.87
C ILE A 84 13.73 16.88 -6.06
N LEU A 85 12.97 17.89 -5.67
CA LEU A 85 11.83 17.69 -4.77
C LEU A 85 10.51 17.80 -5.53
N VAL A 86 9.77 16.70 -5.55
CA VAL A 86 8.54 16.59 -6.35
C VAL A 86 7.31 16.47 -5.46
N GLY A 87 6.36 17.38 -5.65
CA GLY A 87 5.15 17.40 -4.84
C GLY A 87 3.91 17.29 -5.70
N HIS A 88 3.08 16.29 -5.40
CA HIS A 88 1.84 16.09 -6.16
C HIS A 88 0.65 16.68 -5.42
N ALA A 89 -0.10 17.54 -6.12
CA ALA A 89 -1.36 18.14 -5.62
C ALA A 89 -1.25 18.78 -4.23
N LEU A 90 -1.92 18.21 -3.22
CA LEU A 90 -1.75 18.67 -1.83
C LEU A 90 -0.29 18.63 -1.35
N GLY A 91 0.48 17.71 -1.93
CA GLY A 91 1.92 17.61 -1.64
C GLY A 91 2.70 18.87 -1.94
N GLY A 92 2.10 19.76 -2.73
CA GLY A 92 2.68 21.08 -3.02
C GLY A 92 2.88 21.95 -1.79
N LEU A 93 1.96 21.84 -0.84
CA LEU A 93 2.07 22.57 0.43
C LEU A 93 3.25 22.08 1.27
N ALA A 94 3.42 20.76 1.32
CA ALA A 94 4.58 20.15 1.99
C ALA A 94 5.90 20.61 1.39
N ILE A 95 6.01 20.51 0.06
CA ILE A 95 7.27 20.90 -0.58
C ILE A 95 7.55 22.41 -0.47
N SER A 96 6.50 23.22 -0.43
CA SER A 96 6.63 24.66 -0.22
C SER A 96 7.26 24.99 1.14
N LYS A 97 6.78 24.32 2.18
CA LYS A 97 7.36 24.44 3.51
C LYS A 97 8.83 24.00 3.53
N ALA A 98 9.13 22.88 2.87
CA ALA A 98 10.51 22.39 2.74
C ALA A 98 11.40 23.38 2.01
N MET A 99 10.86 24.05 1.00
CA MET A 99 11.58 25.11 0.26
C MET A 99 11.92 26.32 1.12
N GLU A 100 10.99 26.68 2.01
CA GLU A 100 11.20 27.82 2.90
C GLU A 100 12.24 27.53 3.98
N THR A 101 12.21 26.31 4.50
CA THR A 101 13.06 25.93 5.63
C THR A 101 14.45 25.52 5.18
N PHE A 102 14.54 24.77 4.08
CA PHE A 102 15.80 24.23 3.62
C PHE A 102 16.06 24.59 2.15
N PRO A 103 16.06 25.90 1.81
CA PRO A 103 16.12 26.25 0.38
C PRO A 103 17.40 25.80 -0.29
N GLU A 104 18.47 25.74 0.49
CA GLU A 104 19.80 25.44 -0.04
CA GLU A 104 19.82 25.42 0.00
C GLU A 104 19.92 24.01 -0.57
N LYS A 105 19.19 23.08 0.05
CA LYS A 105 19.30 21.65 -0.28
C LYS A 105 18.53 21.23 -1.53
N ILE A 106 17.78 22.16 -2.11
CA ILE A 106 16.92 21.84 -3.25
C ILE A 106 17.42 22.47 -4.56
N SER A 107 17.82 21.61 -5.50
CA SER A 107 18.23 22.04 -6.84
C SER A 107 17.05 22.65 -7.58
N VAL A 108 15.95 21.91 -7.61
CA VAL A 108 14.71 22.34 -8.25
C VAL A 108 13.51 21.70 -7.56
N ALA A 109 12.46 22.49 -7.35
CA ALA A 109 11.21 21.94 -6.85
C ALA A 109 10.19 21.79 -7.98
N VAL A 110 9.55 20.64 -8.05
CA VAL A 110 8.60 20.35 -9.12
C VAL A 110 7.18 20.20 -8.54
N PHE A 111 6.27 21.02 -9.03
CA PHE A 111 4.86 20.96 -8.62
C PHE A 111 4.04 20.22 -9.66
N LEU A 112 3.74 18.96 -9.39
CA LEU A 112 2.94 18.14 -10.30
C LEU A 112 1.45 18.39 -10.02
N SER A 113 0.84 19.26 -10.84
CA SER A 113 -0.50 19.80 -10.56
C SER A 113 -0.62 20.14 -9.08
N GLY A 114 0.43 20.73 -8.55
CA GLY A 114 0.55 20.92 -7.11
C GLY A 114 -0.07 22.23 -6.68
N LEU A 115 -0.51 22.28 -5.43
CA LEU A 115 -0.91 23.55 -4.85
C LEU A 115 0.38 24.36 -4.69
N MET A 116 0.42 25.51 -5.35
CA MET A 116 1.64 26.30 -5.40
C MET A 116 1.39 27.73 -4.90
N PRO A 117 1.12 27.88 -3.58
CA PRO A 117 0.92 29.22 -3.05
C PRO A 117 2.21 30.06 -3.08
N GLY A 118 2.03 31.37 -3.13
CA GLY A 118 3.16 32.29 -3.05
C GLY A 118 2.74 33.53 -2.28
N PRO A 119 3.55 34.60 -2.35
CA PRO A 119 3.16 35.90 -1.77
C PRO A 119 1.82 36.43 -2.29
N ASN A 120 1.56 36.27 -3.58
CA ASN A 120 0.35 36.81 -4.21
C ASN A 120 -0.89 35.91 -4.23
N ILE A 121 -0.72 34.64 -3.86
CA ILE A 121 -1.84 33.71 -3.66
C ILE A 121 -1.64 32.85 -2.41
N ASP A 122 -2.47 33.09 -1.40
CA ASP A 122 -2.26 32.55 -0.06
C ASP A 122 -2.36 31.02 0.04
N ALA A 123 -1.73 30.46 1.08
CA ALA A 123 -1.82 29.03 1.35
C ALA A 123 -3.25 28.62 1.72
N THR A 124 -3.94 29.48 2.44
CA THR A 124 -5.33 29.22 2.82
C THR A 124 -6.29 29.43 1.63
N THR A 125 -5.88 30.26 0.67
CA THR A 125 -6.66 30.50 -0.54
C THR A 125 -6.70 29.24 -1.41
N VAL A 126 -5.53 28.67 -1.69
CA VAL A 126 -5.43 27.47 -2.51
C VAL A 126 -6.08 26.23 -1.87
N CYS A 127 -6.04 26.16 -0.54
CA CYS A 127 -6.64 25.05 0.23
C CYS A 127 -8.15 24.98 0.16
N THR A 128 -8.81 26.12 0.41
CA THR A 128 -10.26 26.20 0.39
C THR A 128 -10.80 25.80 -0.98
N LYS A 129 -10.09 26.21 -2.02
CA LYS A 129 -10.44 25.89 -3.40
C LYS A 129 -10.26 24.41 -3.70
N ALA A 130 -9.10 23.87 -3.30
CA ALA A 130 -8.82 22.43 -3.45
C ALA A 130 -9.85 21.57 -2.70
N GLY A 131 -10.19 21.99 -1.48
CA GLY A 131 -11.15 21.26 -0.64
C GLY A 131 -12.55 21.18 -1.19
N SER A 132 -12.99 22.24 -1.89
CA SER A 132 -14.34 22.30 -2.47
C SER A 132 -14.58 21.22 -3.52
N ALA A 133 -13.51 20.78 -4.17
CA ALA A 133 -13.58 19.75 -5.21
C ALA A 133 -13.54 18.33 -4.64
N VAL A 134 -13.33 18.20 -3.32
CA VAL A 134 -13.27 16.89 -2.67
C VAL A 134 -14.40 16.71 -1.65
N LEU A 135 -14.56 17.69 -0.76
CA LEU A 135 -15.64 17.68 0.23
C LEU A 135 -17.00 17.60 -0.46
N GLY A 136 -17.81 16.64 -0.03
CA GLY A 136 -19.17 16.48 -0.57
C GLY A 136 -19.28 15.86 -1.95
N GLN A 137 -18.15 15.44 -2.53
CA GLN A 137 -18.15 14.81 -3.85
C GLN A 137 -18.47 13.32 -3.78
N LEU A 138 -19.40 12.88 -4.62
CA LEU A 138 -19.81 11.48 -4.73
C LEU A 138 -19.96 10.77 -3.39
N ASP A 139 -19.16 9.73 -3.17
CA ASP A 139 -19.25 8.90 -1.96
C ASP A 139 -18.22 9.24 -0.88
N ASN A 140 -17.57 10.40 -1.01
CA ASN A 140 -16.65 10.87 0.04
C ASN A 140 -17.45 11.14 1.30
N CYS A 141 -16.86 10.89 2.46
CA CYS A 141 -17.56 11.14 3.71
C CYS A 141 -16.67 11.73 4.80
N VAL A 142 -17.28 12.43 5.73
CA VAL A 142 -16.56 13.05 6.84
C VAL A 142 -16.87 12.38 8.17
N THR A 143 -15.93 12.47 9.12
CA THR A 143 -16.13 11.93 10.46
C THR A 143 -16.15 13.08 11.48
N TYR A 144 -16.77 12.80 12.63
CA TYR A 144 -16.98 13.81 13.66
C TYR A 144 -16.43 13.38 15.02
N GLU A 145 -15.12 13.15 15.10
CA GLU A 145 -14.50 12.73 16.35
C GLU A 145 -14.38 13.83 17.43
N ASN A 146 -14.47 15.10 17.02
CA ASN A 146 -14.58 16.21 17.98
C ASN A 146 -16.03 16.42 18.45
N GLY A 147 -16.90 15.47 18.13
CA GLY A 147 -18.34 15.56 18.46
C GLY A 147 -19.17 16.15 17.35
N PRO A 148 -20.50 15.99 17.41
CA PRO A 148 -21.41 16.44 16.34
C PRO A 148 -21.51 17.97 16.16
N THR A 149 -21.25 18.74 17.22
CA THR A 149 -21.37 20.21 17.16
C THR A 149 -20.08 20.90 16.73
N ASN A 150 -19.03 20.12 16.51
CA ASN A 150 -17.78 20.66 15.99
C ASN A 150 -17.66 20.44 14.49
N PRO A 151 -16.80 21.23 13.81
CA PRO A 151 -16.51 20.94 12.40
C PRO A 151 -16.09 19.47 12.22
N PRO A 152 -16.29 18.90 11.01
CA PRO A 152 -15.85 17.54 10.76
C PRO A 152 -14.33 17.39 10.95
N THR A 153 -13.93 16.22 11.41
CA THR A 153 -12.57 15.99 11.84
C THR A 153 -11.69 15.38 10.75
N THR A 154 -12.21 14.38 10.04
CA THR A 154 -11.47 13.73 8.95
C THR A 154 -12.33 13.54 7.71
N LEU A 155 -11.65 13.42 6.57
CA LEU A 155 -12.30 13.19 5.30
C LEU A 155 -11.82 11.85 4.73
N ILE A 156 -12.76 11.03 4.28
CA ILE A 156 -12.47 9.71 3.74
C ILE A 156 -12.85 9.64 2.26
N ALA A 157 -11.85 9.38 1.40
CA ALA A 157 -12.06 9.19 -0.03
C ALA A 157 -12.83 7.91 -0.34
N GLY A 158 -13.99 8.04 -0.96
CA GLY A 158 -14.79 6.88 -1.37
C GLY A 158 -14.36 6.27 -2.69
N PRO A 159 -14.63 4.95 -2.89
CA PRO A 159 -14.27 4.21 -4.12
C PRO A 159 -14.85 4.77 -5.43
N LYS A 160 -16.08 5.28 -5.40
CA LYS A 160 -16.68 5.87 -6.59
C LYS A 160 -15.99 7.19 -6.94
N PHE A 161 -15.76 8.02 -5.93
CA PHE A 161 -14.99 9.25 -6.12
C PHE A 161 -13.62 8.98 -6.76
N LEU A 162 -12.91 7.98 -6.24
CA LEU A 162 -11.60 7.59 -6.77
C LEU A 162 -11.70 7.14 -8.23
N ALA A 163 -12.70 6.32 -8.52
CA ALA A 163 -12.91 5.80 -9.87
C ALA A 163 -13.24 6.91 -10.86
N THR A 164 -14.10 7.84 -10.45
CA THR A 164 -14.66 8.85 -11.35
C THR A 164 -13.76 10.08 -11.48
N ASN A 165 -13.25 10.57 -10.35
CA ASN A 165 -12.55 11.88 -10.30
C ASN A 165 -11.03 11.81 -10.25
N VAL A 166 -10.47 10.68 -9.81
CA VAL A 166 -9.02 10.57 -9.59
C VAL A 166 -8.34 9.59 -10.57
N TYR A 167 -8.85 8.38 -10.64
CA TYR A 167 -8.21 7.28 -11.39
C TYR A 167 -8.82 6.98 -12.75
N HIS A 168 -9.60 7.93 -13.27
CA HIS A 168 -10.42 7.70 -14.46
C HIS A 168 -9.67 7.43 -15.78
N LEU A 169 -8.37 7.70 -15.81
CA LEU A 169 -7.53 7.35 -16.98
C LEU A 169 -6.42 6.33 -16.65
N SER A 170 -6.52 5.71 -15.48
CA SER A 170 -5.50 4.76 -15.02
C SER A 170 -5.96 3.31 -15.21
N PRO A 171 -5.00 2.35 -15.28
CA PRO A 171 -5.39 0.93 -15.33
C PRO A 171 -6.28 0.54 -14.15
N ILE A 172 -7.20 -0.39 -14.37
CA ILE A 172 -8.18 -0.75 -13.34
C ILE A 172 -7.53 -1.34 -12.09
N GLU A 173 -6.37 -1.96 -12.24
CA GLU A 173 -5.67 -2.51 -11.09
C GLU A 173 -5.15 -1.43 -10.13
N ASP A 174 -4.80 -0.26 -10.67
CA ASP A 174 -4.33 0.85 -9.82
C ASP A 174 -5.45 1.44 -8.99
N LEU A 175 -6.66 1.43 -9.55
CA LEU A 175 -7.84 1.77 -8.77
C LEU A 175 -8.03 0.77 -7.62
N ALA A 176 -7.90 -0.53 -7.91
CA ALA A 176 -8.05 -1.54 -6.85
C ALA A 176 -6.99 -1.37 -5.77
N LEU A 177 -5.76 -1.09 -6.20
CA LEU A 177 -4.65 -0.82 -5.27
C LEU A 177 -4.96 0.35 -4.34
N ALA A 178 -5.44 1.44 -4.93
CA ALA A 178 -5.81 2.63 -4.18
C ALA A 178 -6.92 2.36 -3.19
N THR A 179 -7.94 1.61 -3.62
CA THR A 179 -9.06 1.31 -2.75
C THR A 179 -8.62 0.54 -1.51
N ALA A 180 -7.53 -0.23 -1.62
CA ALA A 180 -7.02 -1.00 -0.48
C ALA A 180 -6.06 -0.21 0.41
N LEU A 181 -5.64 0.98 -0.06
CA LEU A 181 -4.56 1.74 0.60
C LEU A 181 -4.85 3.18 1.02
N VAL A 182 -5.88 3.82 0.44
CA VAL A 182 -6.20 5.21 0.80
C VAL A 182 -6.58 5.29 2.27
N ARG A 183 -6.11 6.35 2.93
CA ARG A 183 -6.36 6.57 4.36
C ARG A 183 -7.01 7.94 4.55
N PRO A 184 -7.68 8.16 5.69
CA PRO A 184 -8.35 9.44 5.93
C PRO A 184 -7.36 10.60 6.00
N LEU A 185 -7.83 11.78 5.60
CA LEU A 185 -7.08 13.02 5.77
C LEU A 185 -7.72 13.84 6.89
N TYR A 186 -6.91 14.29 7.84
CA TYR A 186 -7.40 15.20 8.88
C TYR A 186 -7.80 16.50 8.20
N LEU A 187 -8.94 17.07 8.58
CA LEU A 187 -9.39 18.32 7.98
C LEU A 187 -8.74 19.50 8.70
N TYR A 188 -7.52 19.82 8.28
CA TYR A 188 -6.72 20.88 8.88
C TYR A 188 -7.41 22.24 8.75
N LEU A 189 -7.32 23.02 9.81
CA LEU A 189 -7.92 24.35 9.86
C LEU A 189 -7.15 25.34 8.99
N ALA A 190 -7.90 26.21 8.33
CA ALA A 190 -7.33 27.25 7.47
C ALA A 190 -6.30 28.11 8.20
N GLU A 191 -6.59 28.40 9.47
CA GLU A 191 -5.69 29.18 10.33
C GLU A 191 -4.39 28.45 10.60
N ASP A 192 -4.49 27.14 10.89
CA ASP A 192 -3.34 26.29 11.12
C ASP A 192 -2.42 26.31 9.90
N ILE A 193 -2.98 26.01 8.72
CA ILE A 193 -2.22 25.99 7.47
C ILE A 193 -1.57 27.34 7.13
N SER A 194 -2.31 28.44 7.27
CA SER A 194 -1.78 29.77 6.98
C SER A 194 -0.58 30.12 7.89
N LYS A 195 -0.67 29.78 9.17
CA LYS A 195 0.46 29.97 10.09
C LYS A 195 1.67 29.09 9.78
N GLU A 196 1.42 27.86 9.32
CA GLU A 196 2.48 26.89 9.07
C GLU A 196 3.22 27.11 7.74
N VAL A 197 2.49 27.40 6.68
CA VAL A 197 3.08 27.60 5.35
C VAL A 197 3.22 29.09 5.04
N VAL A 198 4.24 29.71 5.63
CA VAL A 198 4.55 31.10 5.38
C VAL A 198 5.78 31.13 4.48
N LEU A 199 5.68 31.84 3.37
CA LEU A 199 6.73 31.83 2.34
C LEU A 199 7.30 33.21 2.10
N SER A 200 8.63 33.29 2.00
CA SER A 200 9.31 34.55 1.66
C SER A 200 10.08 34.43 0.36
N SER A 201 10.19 35.56 -0.35
CA SER A 201 10.89 35.62 -1.63
C SER A 201 12.38 35.36 -1.49
N LYS A 202 12.93 35.59 -0.29
CA LYS A 202 14.34 35.34 -0.03
C LYS A 202 14.68 33.85 0.12
N ARG A 203 13.77 33.08 0.72
CA ARG A 203 14.04 31.65 0.93
C ARG A 203 13.31 30.78 -0.11
N TYR A 204 11.99 30.66 0.04
CA TYR A 204 11.15 29.95 -0.94
C TYR A 204 11.41 30.44 -2.36
N GLY A 205 11.37 31.76 -2.54
CA GLY A 205 11.51 32.39 -3.86
C GLY A 205 12.84 32.20 -4.55
N SER A 206 13.87 31.80 -3.80
CA SER A 206 15.20 31.57 -4.34
C SER A 206 15.36 30.18 -4.96
N VAL A 207 14.42 29.28 -4.65
CA VAL A 207 14.47 27.91 -5.16
C VAL A 207 13.89 27.85 -6.58
N LYS A 208 14.63 27.21 -7.49
CA LYS A 208 14.17 27.01 -8.86
C LYS A 208 12.92 26.13 -8.84
N ARG A 209 11.95 26.49 -9.67
CA ARG A 209 10.60 25.95 -9.57
C ARG A 209 9.99 25.64 -10.93
N VAL A 210 9.53 24.39 -11.08
CA VAL A 210 8.85 23.94 -12.30
C VAL A 210 7.45 23.43 -11.99
N PHE A 211 6.46 23.92 -12.75
CA PHE A 211 5.09 23.43 -12.66
C PHE A 211 4.80 22.49 -13.83
N ILE A 212 4.23 21.33 -13.51
CA ILE A 212 3.78 20.40 -14.55
C ILE A 212 2.25 20.37 -14.55
N VAL A 213 1.66 20.81 -15.66
CA VAL A 213 0.22 20.77 -15.83
C VAL A 213 -0.15 19.41 -16.39
N ALA A 214 -0.94 18.67 -15.62
CA ALA A 214 -1.41 17.36 -16.04
C ALA A 214 -2.84 17.18 -15.54
N THR A 215 -3.79 17.40 -16.44
CA THR A 215 -5.21 17.21 -16.14
C THR A 215 -5.99 17.08 -17.45
N GLU A 216 -7.02 16.25 -17.45
CA GLU A 216 -7.89 16.12 -18.61
C GLU A 216 -9.35 16.02 -18.18
N ASN A 217 -10.24 16.48 -19.06
CA ASN A 217 -11.70 16.39 -18.84
C ASN A 217 -12.17 17.16 -17.60
N ASP A 218 -11.41 18.18 -17.23
CA ASP A 218 -11.74 19.07 -16.12
C ASP A 218 -11.15 20.45 -16.39
N ALA A 219 -11.88 21.28 -17.13
CA ALA A 219 -11.41 22.62 -17.50
C ALA A 219 -11.39 23.60 -16.32
N LEU A 220 -12.25 23.39 -15.33
CA LEU A 220 -12.25 24.21 -14.12
C LEU A 220 -11.00 23.98 -13.26
N LYS A 221 -10.60 22.72 -13.12
CA LYS A 221 -9.35 22.38 -12.43
C LYS A 221 -8.14 22.97 -13.17
N LYS A 222 -8.18 22.91 -14.50
CA LYS A 222 -7.12 23.51 -15.32
C LYS A 222 -7.06 25.02 -15.11
N GLU A 223 -8.21 25.64 -14.93
CA GLU A 223 -8.28 27.09 -14.64
C GLU A 223 -7.68 27.42 -13.28
N PHE A 224 -7.92 26.56 -12.29
CA PHE A 224 -7.31 26.70 -10.96
C PHE A 224 -5.80 26.61 -11.05
N LEU A 225 -5.29 25.64 -11.79
CA LEU A 225 -3.86 25.50 -12.02
C LEU A 225 -3.29 26.71 -12.75
N LYS A 226 -4.02 27.19 -13.77
CA LYS A 226 -3.61 28.37 -14.52
C LYS A 226 -3.56 29.61 -13.63
N LEU A 227 -4.57 29.77 -12.78
CA LEU A 227 -4.62 30.86 -11.80
C LEU A 227 -3.40 30.89 -10.88
N MET A 228 -3.02 29.73 -10.33
CA MET A 228 -1.85 29.64 -9.46
C MET A 228 -0.56 29.97 -10.20
N ILE A 229 -0.48 29.55 -11.46
CA ILE A 229 0.66 29.86 -12.34
C ILE A 229 0.76 31.36 -12.63
N GLU A 230 -0.40 32.00 -12.82
CA GLU A 230 -0.45 33.45 -13.06
C GLU A 230 -0.03 34.26 -11.82
N LYS A 231 -0.58 33.90 -10.66
CA LYS A 231 -0.33 34.61 -9.40
C LYS A 231 1.05 34.34 -8.80
N ASN A 232 1.62 33.17 -9.09
CA ASN A 232 2.91 32.78 -8.54
C ASN A 232 3.78 32.16 -9.63
N PRO A 233 4.21 32.99 -10.62
CA PRO A 233 4.90 32.46 -11.79
C PRO A 233 6.11 31.62 -11.43
N PRO A 234 6.17 30.36 -11.92
CA PRO A 234 7.36 29.54 -11.71
C PRO A 234 8.41 29.89 -12.76
N ASP A 235 9.55 29.21 -12.69
CA ASP A 235 10.61 29.38 -13.68
C ASP A 235 10.26 28.76 -15.03
N GLU A 236 9.43 27.71 -15.01
CA GLU A 236 9.04 26.98 -16.22
C GLU A 236 7.74 26.20 -16.01
N VAL A 237 6.92 26.12 -17.05
CA VAL A 237 5.70 25.33 -17.05
C VAL A 237 5.81 24.24 -18.12
N LYS A 238 5.58 23.00 -17.70
CA LYS A 238 5.58 21.86 -18.62
C LYS A 238 4.24 21.15 -18.60
N GLU A 239 3.93 20.42 -19.67
CA GLU A 239 2.63 19.75 -19.78
C GLU A 239 2.78 18.26 -20.05
N ILE A 240 1.88 17.48 -19.48
CA ILE A 240 1.75 16.06 -19.83
C ILE A 240 0.31 15.80 -20.24
N GLU A 241 0.14 15.30 -21.48
CA GLU A 241 -1.18 15.02 -22.03
C GLU A 241 -1.72 13.67 -21.61
N GLY A 242 -3.05 13.58 -21.53
CA GLY A 242 -3.75 12.33 -21.27
C GLY A 242 -3.70 11.83 -19.83
N SER A 243 -3.42 12.75 -18.91
CA SER A 243 -3.28 12.41 -17.51
C SER A 243 -4.56 12.66 -16.72
N ASP A 244 -4.90 11.73 -15.83
CA ASP A 244 -5.94 11.97 -14.84
C ASP A 244 -5.26 12.64 -13.62
N HIS A 245 -5.93 12.64 -12.46
CA HIS A 245 -5.37 13.26 -11.25
C HIS A 245 -4.08 12.60 -10.74
N VAL A 246 -3.91 11.31 -11.02
CA VAL A 246 -2.73 10.58 -10.57
C VAL A 246 -1.80 10.27 -11.75
N THR A 247 -1.05 11.28 -12.19
CA THR A 247 -0.16 11.17 -13.35
C THR A 247 0.85 10.02 -13.21
N MET A 248 1.30 9.76 -11.99
CA MET A 248 2.23 8.65 -11.72
C MET A 248 1.62 7.27 -12.01
N MET A 249 0.29 7.22 -12.08
CA MET A 249 -0.43 5.98 -12.40
C MET A 249 -0.81 5.89 -13.88
N SER A 250 -1.32 7.00 -14.42
CA SER A 250 -1.83 7.02 -15.80
C SER A 250 -0.78 7.31 -16.87
N LYS A 251 0.21 8.13 -16.56
CA LYS A 251 1.29 8.47 -17.51
C LYS A 251 2.68 8.32 -16.89
N PRO A 252 3.03 7.11 -16.40
CA PRO A 252 4.29 6.94 -15.66
C PRO A 252 5.55 7.21 -16.48
N GLN A 253 5.62 6.66 -17.69
CA GLN A 253 6.80 6.83 -18.56
C GLN A 253 7.04 8.29 -18.92
N GLN A 254 5.95 8.99 -19.23
CA GLN A 254 5.99 10.39 -19.61
C GLN A 254 6.42 11.27 -18.43
N LEU A 255 5.85 10.99 -17.25
CA LEU A 255 6.24 11.69 -16.02
C LEU A 255 7.72 11.47 -15.68
N PHE A 256 8.17 10.23 -15.78
CA PHE A 256 9.57 9.89 -15.56
C PHE A 256 10.50 10.67 -16.50
N THR A 257 10.19 10.64 -17.80
CA THR A 257 10.98 11.34 -18.81
C THR A 257 11.04 12.84 -18.49
N THR A 258 9.90 13.40 -18.13
CA THR A 258 9.80 14.82 -17.79
C THR A 258 10.63 15.20 -16.56
N LEU A 259 10.58 14.37 -15.53
CA LEU A 259 11.37 14.64 -14.30
C LEU A 259 12.87 14.57 -14.55
N LEU A 260 13.29 13.61 -15.37
CA LEU A 260 14.70 13.47 -15.76
C LEU A 260 15.19 14.67 -16.55
N SER A 261 14.34 15.17 -17.46
CA SER A 261 14.62 16.36 -18.26
C SER A 261 14.76 17.59 -17.37
N ILE A 262 13.83 17.76 -16.44
CA ILE A 262 13.90 18.83 -15.43
C ILE A 262 15.19 18.74 -14.61
N ALA A 263 15.50 17.55 -14.11
CA ALA A 263 16.68 17.32 -13.29
C ALA A 263 17.96 17.69 -14.04
N ASN A 264 18.04 17.26 -15.30
CA ASN A 264 19.19 17.54 -16.16
C ASN A 264 19.38 19.02 -16.49
N LYS A 265 18.27 19.77 -16.51
CA LYS A 265 18.30 21.21 -16.82
C LYS A 265 18.75 22.09 -15.64
N TYR A 266 18.36 21.71 -14.42
CA TYR A 266 18.68 22.49 -13.22
C TYR A 266 19.63 21.74 -12.28
N LYS A 267 20.84 21.45 -12.76
CA LYS A 267 21.81 20.66 -12.01
C LYS A 267 22.32 21.33 -10.74
N PRO B 9 -23.51 -19.39 -18.18
CA PRO B 9 -24.43 -19.30 -17.06
C PRO B 9 -23.75 -18.71 -15.81
N PHE B 10 -23.64 -17.38 -15.78
CA PHE B 10 -22.88 -16.68 -14.73
C PHE B 10 -23.47 -16.88 -13.34
N VAL B 11 -22.63 -17.34 -12.41
CA VAL B 11 -23.01 -17.44 -11.00
C VAL B 11 -22.04 -16.57 -10.19
N LYS B 12 -22.58 -15.53 -9.57
CA LYS B 12 -21.79 -14.59 -8.76
C LYS B 12 -21.19 -15.28 -7.53
N LYS B 13 -19.88 -15.09 -7.36
CA LYS B 13 -19.16 -15.78 -6.29
C LYS B 13 -18.50 -14.77 -5.35
N HIS B 14 -18.15 -15.22 -4.15
CA HIS B 14 -17.49 -14.35 -3.19
C HIS B 14 -16.11 -14.89 -2.80
N PHE B 15 -15.07 -14.24 -3.34
CA PHE B 15 -13.69 -14.60 -3.03
C PHE B 15 -13.17 -13.77 -1.85
N VAL B 16 -12.53 -14.46 -0.91
CA VAL B 16 -11.94 -13.82 0.26
C VAL B 16 -10.45 -14.13 0.30
N LEU B 17 -9.65 -13.06 0.21
CA LEU B 17 -8.21 -13.18 -0.01
C LEU B 17 -7.39 -12.77 1.21
N VAL B 18 -6.53 -13.66 1.66
CA VAL B 18 -5.75 -13.47 2.89
C VAL B 18 -4.26 -13.51 2.59
N HIS B 19 -3.57 -12.42 2.88
CA HIS B 19 -2.16 -12.24 2.54
C HIS B 19 -1.22 -13.02 3.47
N THR B 20 0.07 -12.98 3.16
CA THR B 20 1.11 -13.60 3.96
C THR B 20 1.80 -12.58 4.86
N ALA B 21 2.85 -13.02 5.54
CA ALA B 21 3.68 -12.18 6.40
C ALA B 21 4.19 -10.95 5.68
N PHE B 22 4.19 -9.83 6.41
CA PHE B 22 4.73 -8.53 5.96
C PHE B 22 3.81 -7.79 4.98
N HIS B 23 2.85 -8.52 4.41
CA HIS B 23 2.03 -7.99 3.32
C HIS B 23 0.69 -7.45 3.82
N GLY B 24 -0.22 -7.14 2.90
CA GLY B 24 -1.56 -6.66 3.27
C GLY B 24 -2.52 -6.94 2.14
N ALA B 25 -3.74 -6.41 2.26
CA ALA B 25 -4.74 -6.53 1.21
C ALA B 25 -4.21 -6.04 -0.14
N TRP B 26 -3.32 -5.06 -0.09
CA TRP B 26 -2.78 -4.41 -1.29
C TRP B 26 -2.11 -5.39 -2.25
N CYS B 27 -1.51 -6.47 -1.74
CA CYS B 27 -0.75 -7.39 -2.61
C CYS B 27 -1.63 -8.10 -3.62
N TRP B 28 -2.93 -8.16 -3.35
CA TRP B 28 -3.89 -8.82 -4.21
C TRP B 28 -4.48 -7.92 -5.29
N TYR B 29 -3.96 -6.70 -5.44
CA TYR B 29 -4.60 -5.69 -6.31
C TYR B 29 -4.90 -6.11 -7.76
N LYS B 30 -3.99 -6.88 -8.36
CA LYS B 30 -4.22 -7.34 -9.73
C LYS B 30 -5.37 -8.36 -9.78
N ILE B 31 -5.44 -9.22 -8.77
CA ILE B 31 -6.50 -10.24 -8.69
C ILE B 31 -7.85 -9.58 -8.38
N VAL B 32 -7.83 -8.64 -7.45
CA VAL B 32 -9.03 -7.89 -7.07
C VAL B 32 -9.67 -7.19 -8.28
N ALA B 33 -8.83 -6.56 -9.11
CA ALA B 33 -9.33 -5.86 -10.30
C ALA B 33 -9.97 -6.84 -11.28
N LEU B 34 -9.31 -7.98 -11.51
CA LEU B 34 -9.84 -9.01 -12.41
C LEU B 34 -11.19 -9.56 -11.92
N MET B 35 -11.29 -9.78 -10.61
CA MET B 35 -12.54 -10.27 -10.02
C MET B 35 -13.68 -9.25 -10.08
N ARG B 36 -13.39 -8.00 -9.73
CA ARG B 36 -14.40 -6.94 -9.74
C ARG B 36 -14.87 -6.61 -11.14
N SER B 37 -13.95 -6.70 -12.11
CA SER B 37 -14.26 -6.44 -13.52
C SER B 37 -15.22 -7.48 -14.10
N SER B 38 -15.11 -8.73 -13.64
CA SER B 38 -16.01 -9.78 -14.12
C SER B 38 -17.29 -9.94 -13.31
N GLY B 39 -17.49 -9.10 -12.30
CA GLY B 39 -18.74 -9.08 -11.55
C GLY B 39 -18.80 -9.97 -10.32
N HIS B 40 -17.67 -10.51 -9.89
CA HIS B 40 -17.63 -11.31 -8.67
C HIS B 40 -17.40 -10.44 -7.45
N ASN B 41 -17.88 -10.90 -6.29
CA ASN B 41 -17.57 -10.25 -5.03
CA ASN B 41 -17.58 -10.28 -5.00
C ASN B 41 -16.19 -10.69 -4.55
N VAL B 42 -15.42 -9.73 -4.05
CA VAL B 42 -14.09 -10.00 -3.55
C VAL B 42 -13.80 -9.11 -2.34
N THR B 43 -13.34 -9.73 -1.26
CA THR B 43 -12.87 -9.03 -0.09
C THR B 43 -11.40 -9.38 0.09
N ALA B 44 -10.54 -8.37 0.07
CA ALA B 44 -9.13 -8.56 0.40
C ALA B 44 -8.91 -7.94 1.77
N LEU B 45 -8.56 -8.75 2.75
CA LEU B 45 -8.43 -8.31 4.14
C LEU B 45 -7.01 -7.92 4.53
N ASP B 46 -6.89 -6.93 5.41
CA ASP B 46 -5.67 -6.70 6.16
C ASP B 46 -5.79 -7.45 7.49
N LEU B 47 -4.81 -8.31 7.78
CA LEU B 47 -4.70 -8.90 9.12
C LEU B 47 -4.10 -7.88 10.06
N GLY B 48 -4.00 -8.23 11.34
CA GLY B 48 -3.50 -7.31 12.36
C GLY B 48 -2.15 -6.73 11.99
N ALA B 49 -2.02 -5.40 12.13
CA ALA B 49 -0.79 -4.65 11.82
C ALA B 49 -0.20 -4.92 10.44
N SER B 50 -1.09 -5.16 9.47
CA SER B 50 -0.71 -5.43 8.09
C SER B 50 -1.40 -4.38 7.22
N GLY B 51 -0.76 -3.99 6.12
CA GLY B 51 -1.33 -2.98 5.23
C GLY B 51 -1.69 -1.71 5.98
N ILE B 52 -2.95 -1.30 5.90
CA ILE B 52 -3.42 -0.10 6.61
C ILE B 52 -4.23 -0.38 7.89
N ASN B 53 -4.13 -1.62 8.40
CA ASN B 53 -4.67 -1.93 9.71
C ASN B 53 -4.00 -1.01 10.74
N PRO B 54 -4.80 -0.43 11.66
CA PRO B 54 -4.32 0.61 12.58
C PRO B 54 -3.38 0.13 13.70
N LYS B 55 -3.41 -1.16 14.01
CA LYS B 55 -2.53 -1.71 15.04
C LYS B 55 -1.07 -1.70 14.59
N GLN B 56 -0.17 -1.54 15.55
CA GLN B 56 1.26 -1.71 15.31
C GLN B 56 1.63 -3.11 15.83
N ALA B 57 2.64 -3.72 15.22
CA ALA B 57 3.00 -5.11 15.54
C ALA B 57 3.24 -5.32 17.03
N LEU B 58 3.94 -4.37 17.66
CA LEU B 58 4.23 -4.44 19.10
C LEU B 58 2.98 -4.42 19.96
N GLN B 59 1.91 -3.82 19.45
CA GLN B 59 0.66 -3.74 20.18
C GLN B 59 -0.13 -5.04 20.11
N ILE B 60 0.30 -5.99 19.26
CA ILE B 60 -0.44 -7.23 19.09
C ILE B 60 0.39 -8.52 19.28
N PRO B 61 0.94 -8.74 20.50
CA PRO B 61 1.77 -9.92 20.78
C PRO B 61 1.01 -11.24 20.77
N ASN B 62 -0.32 -11.19 20.83
CA ASN B 62 -1.13 -12.40 20.81
C ASN B 62 -1.59 -12.72 19.39
N PHE B 63 -1.38 -13.96 18.98
CA PHE B 63 -1.72 -14.43 17.63
C PHE B 63 -3.21 -14.24 17.30
N SER B 64 -4.06 -14.34 18.32
CA SER B 64 -5.48 -14.07 18.21
C SER B 64 -5.76 -12.70 17.61
N ASP B 65 -4.99 -11.70 18.01
CA ASP B 65 -5.16 -10.34 17.51
C ASP B 65 -4.66 -10.15 16.08
N TYR B 66 -3.69 -10.98 15.68
CA TYR B 66 -3.25 -11.00 14.29
C TYR B 66 -4.37 -11.51 13.41
N LEU B 67 -5.07 -12.53 13.88
CA LEU B 67 -6.10 -13.20 13.09
C LEU B 67 -7.48 -12.56 13.15
N SER B 68 -7.70 -11.68 14.13
CA SER B 68 -9.06 -11.18 14.41
C SER B 68 -9.80 -10.53 13.22
N PRO B 69 -9.10 -9.78 12.35
CA PRO B 69 -9.84 -9.21 11.20
C PRO B 69 -10.50 -10.26 10.30
N LEU B 70 -9.86 -11.42 10.12
CA LEU B 70 -10.50 -12.51 9.38
C LEU B 70 -11.64 -13.14 10.17
N MET B 71 -11.40 -13.40 11.45
CA MET B 71 -12.39 -14.08 12.28
C MET B 71 -13.67 -13.24 12.44
N GLU B 72 -13.49 -11.93 12.62
CA GLU B 72 -14.61 -10.99 12.66
C GLU B 72 -15.35 -10.90 11.34
N PHE B 73 -14.62 -10.94 10.23
CA PHE B 73 -15.24 -10.96 8.91
C PHE B 73 -16.08 -12.23 8.72
N MET B 74 -15.50 -13.38 9.05
CA MET B 74 -16.20 -14.66 8.94
C MET B 74 -17.49 -14.68 9.78
N ALA B 75 -17.44 -14.10 10.97
CA ALA B 75 -18.58 -14.06 11.87
C ALA B 75 -19.71 -13.17 11.35
N SER B 76 -19.34 -12.12 10.62
CA SER B 76 -20.33 -11.15 10.12
C SER B 76 -20.95 -11.55 8.78
N LEU B 77 -20.51 -12.67 8.20
CA LEU B 77 -21.04 -13.15 6.93
C LEU B 77 -22.53 -13.45 6.99
N PRO B 78 -23.31 -12.99 5.97
CA PRO B 78 -24.75 -13.21 5.91
C PRO B 78 -25.16 -14.68 5.87
N ALA B 79 -26.40 -14.96 6.26
CA ALA B 79 -26.94 -16.32 6.30
C ALA B 79 -26.85 -17.00 4.95
N ASN B 80 -26.39 -18.26 4.97
CA ASN B 80 -26.31 -19.13 3.80
C ASN B 80 -25.35 -18.70 2.69
N GLU B 81 -24.52 -17.68 2.96
CA GLU B 81 -23.47 -17.28 2.02
C GLU B 81 -22.24 -18.16 2.17
N LYS B 82 -21.73 -18.64 1.04
CA LYS B 82 -20.53 -19.46 0.99
C LYS B 82 -19.42 -18.67 0.31
N ILE B 83 -18.18 -18.86 0.78
CA ILE B 83 -17.03 -18.14 0.21
C ILE B 83 -15.98 -19.08 -0.34
N ILE B 84 -15.19 -18.58 -1.29
CA ILE B 84 -13.95 -19.22 -1.67
C ILE B 84 -12.86 -18.51 -0.87
N LEU B 85 -12.26 -19.24 0.05
CA LEU B 85 -11.29 -18.65 0.97
C LEU B 85 -9.88 -18.97 0.51
N VAL B 86 -9.14 -17.92 0.16
CA VAL B 86 -7.80 -18.05 -0.40
C VAL B 86 -6.73 -17.48 0.55
N GLY B 87 -5.78 -18.34 0.90
CA GLY B 87 -4.69 -17.97 1.80
C GLY B 87 -3.34 -18.14 1.12
N HIS B 88 -2.51 -17.10 1.19
CA HIS B 88 -1.15 -17.13 0.66
C HIS B 88 -0.13 -17.35 1.79
N ALA B 89 0.69 -18.41 1.66
CA ALA B 89 1.77 -18.73 2.63
C ALA B 89 1.39 -18.68 4.14
N LEU B 90 1.89 -17.70 4.90
CA LEU B 90 1.46 -17.55 6.31
C LEU B 90 -0.06 -17.38 6.45
N GLY B 91 -0.70 -16.83 5.43
CA GLY B 91 -2.15 -16.71 5.38
C GLY B 91 -2.85 -18.07 5.50
N GLY B 92 -2.10 -19.14 5.29
CA GLY B 92 -2.62 -20.52 5.41
C GLY B 92 -3.07 -20.85 6.82
N LEU B 93 -2.33 -20.36 7.82
CA LEU B 93 -2.69 -20.56 9.21
C LEU B 93 -4.03 -19.94 9.54
N ALA B 94 -4.21 -18.71 9.06
CA ALA B 94 -5.42 -17.93 9.29
C ALA B 94 -6.64 -18.61 8.69
N ILE B 95 -6.52 -19.07 7.45
CA ILE B 95 -7.66 -19.70 6.80
C ILE B 95 -7.97 -21.08 7.42
N SER B 96 -6.94 -21.76 7.92
CA SER B 96 -7.12 -23.04 8.62
C SER B 96 -7.99 -22.88 9.87
N LYS B 97 -7.69 -21.86 10.68
CA LYS B 97 -8.53 -21.55 11.84
C LYS B 97 -9.94 -21.17 11.41
N ALA B 98 -10.06 -20.41 10.32
CA ALA B 98 -11.37 -20.05 9.78
C ALA B 98 -12.15 -21.29 9.33
N MET B 99 -11.46 -22.28 8.77
CA MET B 99 -12.07 -23.55 8.38
C MET B 99 -12.58 -24.36 9.58
N GLU B 100 -11.83 -24.34 10.68
CA GLU B 100 -12.20 -25.08 11.90
C GLU B 100 -13.40 -24.45 12.61
N THR B 101 -13.48 -23.11 12.57
CA THR B 101 -14.51 -22.38 13.29
C THR B 101 -15.82 -22.28 12.49
N PHE B 102 -15.71 -22.00 11.20
CA PHE B 102 -16.88 -21.82 10.34
C PHE B 102 -16.76 -22.68 9.08
N PRO B 103 -16.73 -24.02 9.24
CA PRO B 103 -16.61 -24.86 8.03
C PRO B 103 -17.78 -24.68 7.07
N GLU B 104 -18.97 -24.44 7.63
CA GLU B 104 -20.22 -24.33 6.87
C GLU B 104 -20.27 -23.12 5.92
N LYS B 105 -19.45 -22.10 6.20
CA LYS B 105 -19.45 -20.86 5.42
C LYS B 105 -18.45 -20.89 4.25
N ILE B 106 -17.69 -21.97 4.14
CA ILE B 106 -16.62 -22.06 3.14
C ILE B 106 -16.90 -23.16 2.12
N SER B 107 -17.11 -22.74 0.87
CA SER B 107 -17.30 -23.67 -0.25
C SER B 107 -16.02 -24.46 -0.54
N VAL B 108 -14.91 -23.75 -0.65
CA VAL B 108 -13.61 -24.36 -0.88
C VAL B 108 -12.52 -23.44 -0.34
N ALA B 109 -11.47 -24.02 0.21
CA ALA B 109 -10.31 -23.27 0.70
C ALA B 109 -9.12 -23.50 -0.20
N VAL B 110 -8.42 -22.42 -0.54
CA VAL B 110 -7.30 -22.50 -1.47
C VAL B 110 -6.01 -22.06 -0.77
N PHE B 111 -5.04 -22.96 -0.72
CA PHE B 111 -3.75 -22.71 -0.13
C PHE B 111 -2.75 -22.42 -1.25
N LEU B 112 -2.37 -21.15 -1.35
CA LEU B 112 -1.45 -20.69 -2.39
C LEU B 112 -0.05 -20.63 -1.79
N SER B 113 0.78 -21.60 -2.14
CA SER B 113 2.05 -21.83 -1.43
C SER B 113 1.83 -21.68 0.08
N GLY B 114 0.69 -22.19 0.55
CA GLY B 114 0.23 -21.88 1.90
C GLY B 114 0.75 -22.85 2.94
N LEU B 115 0.98 -22.33 4.15
CA LEU B 115 1.25 -23.21 5.29
C LEU B 115 -0.03 -23.99 5.53
N MET B 116 0.06 -25.31 5.40
CA MET B 116 -1.13 -26.14 5.44
C MET B 116 -1.03 -27.21 6.54
N PRO B 117 -1.12 -26.79 7.81
CA PRO B 117 -1.06 -27.78 8.88
C PRO B 117 -2.34 -28.62 8.93
N GLY B 118 -2.23 -29.81 9.49
CA GLY B 118 -3.37 -30.70 9.70
C GLY B 118 -3.19 -31.43 11.02
N PRO B 119 -4.15 -32.31 11.37
CA PRO B 119 -4.02 -33.10 12.60
C PRO B 119 -2.72 -33.92 12.70
N ASN B 120 -2.18 -34.35 11.56
CA ASN B 120 -0.95 -35.15 11.53
C ASN B 120 0.35 -34.36 11.35
N ILE B 121 0.23 -33.07 11.07
CA ILE B 121 1.37 -32.15 10.96
C ILE B 121 0.93 -30.79 11.48
N ASP B 122 1.06 -30.59 12.79
CA ASP B 122 0.40 -29.47 13.46
C ASP B 122 1.00 -28.08 13.14
N ALA B 123 0.32 -27.04 13.62
CA ALA B 123 0.67 -25.66 13.33
C ALA B 123 2.08 -25.26 13.74
N THR B 124 2.55 -25.81 14.86
CA THR B 124 3.86 -25.46 15.38
C THR B 124 5.01 -26.12 14.61
N THR B 125 4.78 -27.34 14.12
CA THR B 125 5.75 -28.03 13.27
C THR B 125 5.97 -27.20 12.00
N VAL B 126 4.87 -26.79 11.38
CA VAL B 126 4.87 -26.01 10.14
C VAL B 126 5.53 -24.63 10.34
N CYS B 127 5.23 -23.98 11.45
CA CYS B 127 5.77 -22.65 11.76
C CYS B 127 7.28 -22.63 11.96
N THR B 128 7.79 -23.60 12.71
CA THR B 128 9.22 -23.72 12.98
C THR B 128 10.01 -23.91 11.69
N LYS B 129 9.48 -24.73 10.78
CA LYS B 129 10.09 -24.95 9.48
C LYS B 129 10.03 -23.69 8.60
N ALA B 130 8.92 -22.97 8.65
CA ALA B 130 8.75 -21.71 7.92
C ALA B 130 9.70 -20.63 8.43
N GLY B 131 9.87 -20.58 9.76
CA GLY B 131 10.78 -19.64 10.40
C GLY B 131 12.21 -19.71 9.90
N SER B 132 12.69 -20.94 9.66
CA SER B 132 14.07 -21.17 9.21
C SER B 132 14.33 -20.65 7.79
N ALA B 133 13.27 -20.57 6.99
CA ALA B 133 13.38 -20.07 5.62
C ALA B 133 13.29 -18.54 5.54
N VAL B 134 13.02 -17.88 6.66
CA VAL B 134 12.86 -16.43 6.68
C VAL B 134 13.82 -15.73 7.66
N LEU B 135 13.89 -16.23 8.89
CA LEU B 135 14.84 -15.72 9.88
C LEU B 135 16.28 -15.94 9.43
N GLY B 136 17.08 -14.87 9.50
CA GLY B 136 18.49 -14.94 9.14
C GLY B 136 18.78 -14.87 7.66
N GLN B 137 17.73 -14.86 6.84
CA GLN B 137 17.88 -14.83 5.39
C GLN B 137 18.28 -13.45 4.90
N LEU B 138 19.44 -13.39 4.25
CA LEU B 138 19.96 -12.16 3.66
C LEU B 138 19.87 -10.95 4.60
N ASP B 139 19.07 -9.95 4.23
CA ASP B 139 19.02 -8.70 4.99
C ASP B 139 17.80 -8.57 5.94
N ASN B 140 17.12 -9.69 6.19
CA ASN B 140 16.06 -9.73 7.20
C ASN B 140 16.66 -9.53 8.59
N CYS B 141 15.93 -8.83 9.45
CA CYS B 141 16.43 -8.61 10.81
C CYS B 141 15.35 -8.62 11.88
N VAL B 142 15.79 -8.90 13.10
CA VAL B 142 14.88 -8.96 14.24
C VAL B 142 15.13 -7.79 15.20
N THR B 143 14.10 -7.47 15.99
CA THR B 143 14.20 -6.43 17.01
C THR B 143 14.02 -7.06 18.39
N TYR B 144 14.52 -6.37 19.41
CA TYR B 144 14.44 -6.84 20.79
C TYR B 144 13.79 -5.80 21.69
N GLU B 145 12.50 -5.56 21.49
CA GLU B 145 11.77 -4.53 22.23
C GLU B 145 11.50 -4.88 23.70
N ASN B 146 11.59 -6.16 24.03
CA ASN B 146 11.45 -6.61 25.41
C ASN B 146 12.80 -6.91 26.10
N GLY B 147 13.89 -6.44 25.49
CA GLY B 147 15.22 -6.64 26.04
C GLY B 147 15.85 -7.98 25.66
N PRO B 148 17.17 -8.09 25.83
CA PRO B 148 17.96 -9.24 25.36
C PRO B 148 17.66 -10.55 26.10
N THR B 149 17.02 -10.46 27.26
CA THR B 149 16.64 -11.65 28.04
C THR B 149 15.38 -12.33 27.50
N ASN B 150 14.63 -11.60 26.67
CA ASN B 150 13.40 -12.13 26.08
C ASN B 150 13.59 -12.50 24.61
N PRO B 151 12.69 -13.34 24.06
CA PRO B 151 12.75 -13.66 22.64
C PRO B 151 12.66 -12.39 21.77
N PRO B 152 13.20 -12.43 20.53
CA PRO B 152 13.03 -11.27 19.64
C PRO B 152 11.54 -10.98 19.45
N THR B 153 11.21 -9.70 19.27
CA THR B 153 9.82 -9.28 19.24
C THR B 153 9.21 -9.19 17.83
N THR B 154 9.96 -8.63 16.88
CA THR B 154 9.46 -8.50 15.51
C THR B 154 10.49 -8.90 14.46
N LEU B 155 9.98 -9.30 13.31
CA LEU B 155 10.79 -9.62 12.15
C LEU B 155 10.50 -8.59 11.05
N ILE B 156 11.56 -8.08 10.44
CA ILE B 156 11.46 -7.06 9.39
C ILE B 156 12.07 -7.61 8.09
N ALA B 157 11.24 -7.71 7.05
CA ALA B 157 11.67 -8.18 5.74
C ALA B 157 12.57 -7.15 5.07
N GLY B 158 13.73 -7.58 4.60
CA GLY B 158 14.68 -6.68 3.97
C GLY B 158 14.49 -6.62 2.45
N PRO B 159 14.84 -5.48 1.82
CA PRO B 159 14.68 -5.28 0.37
C PRO B 159 15.42 -6.31 -0.49
N LYS B 160 16.61 -6.74 -0.06
CA LYS B 160 17.35 -7.78 -0.79
C LYS B 160 16.67 -9.14 -0.70
N PHE B 161 16.21 -9.50 0.50
CA PHE B 161 15.42 -10.72 0.68
C PHE B 161 14.15 -10.73 -0.20
N LEU B 162 13.47 -9.58 -0.24
CA LEU B 162 12.28 -9.44 -1.08
C LEU B 162 12.60 -9.64 -2.57
N ALA B 163 13.68 -9.00 -3.03
CA ALA B 163 14.09 -9.08 -4.44
C ALA B 163 14.53 -10.50 -4.84
N THR B 164 15.24 -11.18 -3.95
CA THR B 164 15.86 -12.47 -4.27
C THR B 164 14.93 -13.66 -4.04
N ASN B 165 14.33 -13.73 -2.86
CA ASN B 165 13.56 -14.91 -2.44
C ASN B 165 12.07 -14.84 -2.74
N VAL B 166 11.55 -13.62 -2.93
CA VAL B 166 10.11 -13.42 -3.02
C VAL B 166 9.63 -12.92 -4.38
N TYR B 167 10.20 -11.82 -4.85
CA TYR B 167 9.71 -11.11 -6.04
C TYR B 167 10.55 -11.31 -7.30
N HIS B 168 11.38 -12.34 -7.33
CA HIS B 168 12.39 -12.48 -8.39
C HIS B 168 11.85 -12.67 -9.82
N LEU B 169 10.59 -13.10 -9.95
CA LEU B 169 9.97 -13.28 -11.28
C LEU B 169 8.82 -12.28 -11.51
N SER B 170 8.75 -11.28 -10.64
CA SER B 170 7.71 -10.26 -10.71
C SER B 170 8.24 -8.99 -11.40
N PRO B 171 7.32 -8.19 -11.99
CA PRO B 171 7.72 -6.89 -12.52
C PRO B 171 8.45 -6.08 -11.46
N ILE B 172 9.48 -5.33 -11.87
CA ILE B 172 10.26 -4.55 -10.90
C ILE B 172 9.44 -3.49 -10.15
N GLU B 173 8.37 -3.00 -10.77
CA GLU B 173 7.49 -2.04 -10.08
C GLU B 173 6.77 -2.67 -8.88
N ASP B 174 6.48 -3.96 -8.96
CA ASP B 174 5.85 -4.68 -7.84
C ASP B 174 6.81 -4.84 -6.66
N LEU B 175 8.08 -5.04 -6.96
CA LEU B 175 9.10 -5.01 -5.91
C LEU B 175 9.16 -3.63 -5.26
N ALA B 176 9.18 -2.58 -6.07
CA ALA B 176 9.15 -1.21 -5.57
C ALA B 176 7.92 -0.95 -4.70
N LEU B 177 6.76 -1.43 -5.15
CA LEU B 177 5.52 -1.29 -4.37
C LEU B 177 5.66 -1.97 -3.00
N ALA B 178 6.14 -3.21 -3.01
CA ALA B 178 6.36 -3.99 -1.79
C ALA B 178 7.28 -3.30 -0.79
N THR B 179 8.39 -2.74 -1.27
CA THR B 179 9.36 -2.12 -0.38
C THR B 179 8.80 -0.87 0.30
N ALA B 180 7.87 -0.19 -0.36
CA ALA B 180 7.16 0.93 0.26
C ALA B 180 6.01 0.52 1.18
N LEU B 181 5.65 -0.78 1.22
CA LEU B 181 4.45 -1.22 1.95
C LEU B 181 4.62 -2.32 3.01
N VAL B 182 5.66 -3.14 2.89
CA VAL B 182 5.84 -4.23 3.83
C VAL B 182 6.01 -3.71 5.26
N ARG B 183 5.38 -4.39 6.20
CA ARG B 183 5.43 -4.00 7.62
C ARG B 183 6.00 -5.15 8.44
N PRO B 184 6.52 -4.85 9.66
CA PRO B 184 7.08 -5.90 10.53
C PRO B 184 6.03 -6.93 10.92
N LEU B 185 6.48 -8.15 11.21
CA LEU B 185 5.64 -9.20 11.75
C LEU B 185 6.08 -9.46 13.19
N TYR B 186 5.13 -9.50 14.13
CA TYR B 186 5.44 -9.92 15.49
C TYR B 186 5.83 -11.38 15.45
N LEU B 187 6.88 -11.74 16.18
CA LEU B 187 7.33 -13.12 16.22
C LEU B 187 6.49 -13.88 17.23
N TYR B 188 5.36 -14.39 16.76
CA TYR B 188 4.41 -15.09 17.63
C TYR B 188 5.03 -16.37 18.19
N LEU B 189 4.77 -16.63 19.46
CA LEU B 189 5.32 -17.80 20.15
C LEU B 189 4.67 -19.08 19.63
N ALA B 190 5.48 -20.12 19.51
CA ALA B 190 5.03 -21.43 19.06
C ALA B 190 3.85 -21.93 19.89
N GLU B 191 3.97 -21.77 21.21
CA GLU B 191 2.94 -22.12 22.18
C GLU B 191 1.61 -21.40 21.91
N ASP B 192 1.69 -20.11 21.58
CA ASP B 192 0.52 -19.30 21.28
C ASP B 192 -0.19 -19.78 19.99
N ILE B 193 0.60 -20.03 18.95
CA ILE B 193 0.04 -20.49 17.68
C ILE B 193 -0.62 -21.86 17.84
N SER B 194 0.06 -22.74 18.58
CA SER B 194 -0.44 -24.09 18.90
C SER B 194 -1.82 -24.09 19.52
N LYS B 195 -2.04 -23.15 20.44
CA LYS B 195 -3.32 -23.02 21.12
C LYS B 195 -4.42 -22.42 20.24
N GLU B 196 -4.02 -21.55 19.31
CA GLU B 196 -4.97 -20.86 18.44
C GLU B 196 -5.41 -21.66 17.23
N VAL B 197 -4.47 -22.38 16.61
CA VAL B 197 -4.77 -23.15 15.41
C VAL B 197 -4.73 -24.64 15.74
N VAL B 198 -5.89 -25.19 16.09
CA VAL B 198 -6.03 -26.63 16.32
C VAL B 198 -7.11 -27.14 15.38
N LEU B 199 -6.79 -28.19 14.63
CA LEU B 199 -7.64 -28.61 13.53
C LEU B 199 -8.16 -30.03 13.72
N SER B 200 -9.45 -30.21 13.49
CA SER B 200 -10.08 -31.52 13.59
C SER B 200 -10.59 -32.01 12.24
N SER B 201 -10.66 -33.34 12.12
CA SER B 201 -11.01 -34.00 10.87
C SER B 201 -12.45 -33.75 10.45
N LYS B 202 -13.35 -33.64 11.43
CA LYS B 202 -14.77 -33.45 11.14
C LYS B 202 -15.13 -32.00 10.81
N ARG B 203 -14.27 -31.06 11.18
CA ARG B 203 -14.54 -29.65 10.90
C ARG B 203 -13.61 -29.12 9.80
N TYR B 204 -12.36 -28.84 10.15
CA TYR B 204 -11.35 -28.48 9.15
C TYR B 204 -11.31 -29.46 7.98
N GLY B 205 -11.33 -30.77 8.30
CA GLY B 205 -11.20 -31.82 7.29
C GLY B 205 -12.39 -31.99 6.37
N SER B 206 -13.54 -31.47 6.77
CA SER B 206 -14.76 -31.55 5.96
C SER B 206 -14.85 -30.47 4.88
N VAL B 207 -13.94 -29.49 4.93
CA VAL B 207 -13.96 -28.38 3.95
C VAL B 207 -13.13 -28.77 2.72
N LYS B 208 -13.72 -28.61 1.55
CA LYS B 208 -12.99 -28.87 0.29
C LYS B 208 -11.74 -27.99 0.24
N ARG B 209 -10.63 -28.57 -0.20
CA ARG B 209 -9.31 -27.96 -0.05
C ARG B 209 -8.40 -28.18 -1.27
N VAL B 210 -7.89 -27.09 -1.83
CA VAL B 210 -7.01 -27.13 -2.98
C VAL B 210 -5.70 -26.44 -2.65
N PHE B 211 -4.59 -27.08 -3.03
CA PHE B 211 -3.28 -26.49 -2.87
C PHE B 211 -2.75 -26.05 -4.24
N ILE B 212 -2.29 -24.81 -4.34
CA ILE B 212 -1.67 -24.33 -5.57
C ILE B 212 -0.16 -24.15 -5.36
N VAL B 213 0.62 -24.93 -6.12
CA VAL B 213 2.07 -24.85 -6.11
C VAL B 213 2.57 -23.77 -7.07
N ALA B 214 3.47 -22.90 -6.59
CA ALA B 214 4.23 -22.03 -7.46
C ALA B 214 5.54 -22.74 -7.82
N THR B 215 5.73 -23.07 -9.09
CA THR B 215 6.83 -23.93 -9.54
C THR B 215 8.23 -23.37 -9.29
N GLU B 216 8.38 -22.04 -9.33
CA GLU B 216 9.68 -21.42 -9.10
C GLU B 216 9.76 -20.67 -7.78
N ASN B 217 9.06 -21.17 -6.77
CA ASN B 217 9.07 -20.58 -5.43
C ASN B 217 10.45 -20.69 -4.79
N ASP B 218 11.07 -19.54 -4.49
CA ASP B 218 12.38 -19.51 -3.85
C ASP B 218 12.32 -19.02 -2.40
N ALA B 219 11.11 -18.90 -1.86
CA ALA B 219 10.91 -18.55 -0.45
C ALA B 219 10.64 -19.80 0.39
N LEU B 220 9.73 -20.63 -0.08
CA LEU B 220 9.44 -21.90 0.57
C LEU B 220 9.88 -23.08 -0.30
N LYS B 221 10.88 -23.82 0.19
CA LYS B 221 11.48 -24.94 -0.54
C LYS B 221 10.45 -26.03 -0.84
N LYS B 222 10.61 -26.68 -1.99
CA LYS B 222 9.65 -27.70 -2.44
C LYS B 222 9.60 -28.93 -1.53
N GLU B 223 10.70 -29.22 -0.85
CA GLU B 223 10.80 -30.35 0.08
C GLU B 223 9.89 -30.19 1.30
N PHE B 224 9.74 -28.95 1.76
CA PHE B 224 8.83 -28.60 2.86
C PHE B 224 7.38 -28.65 2.38
N LEU B 225 7.13 -28.14 1.17
CA LEU B 225 5.80 -28.16 0.58
C LEU B 225 5.32 -29.58 0.24
N LYS B 226 6.26 -30.44 -0.16
CA LYS B 226 5.99 -31.87 -0.39
C LYS B 226 5.62 -32.60 0.91
N LEU B 227 6.23 -32.19 2.01
CA LEU B 227 5.97 -32.77 3.32
C LEU B 227 4.55 -32.45 3.81
N MET B 228 4.13 -31.20 3.61
CA MET B 228 2.79 -30.76 4.03
C MET B 228 1.69 -31.40 3.19
N ILE B 229 1.93 -31.49 1.88
CA ILE B 229 0.97 -32.10 0.95
C ILE B 229 0.77 -33.60 1.23
N GLU B 230 1.84 -34.30 1.56
CA GLU B 230 1.76 -35.73 1.85
C GLU B 230 1.09 -36.01 3.21
N LYS B 231 1.53 -35.31 4.26
CA LYS B 231 1.01 -35.55 5.60
C LYS B 231 -0.34 -34.91 5.88
N ASN B 232 -0.76 -33.98 5.02
CA ASN B 232 -2.10 -33.41 5.08
C ASN B 232 -2.69 -33.25 3.68
N PRO B 233 -3.14 -34.37 3.07
CA PRO B 233 -3.54 -34.39 1.66
C PRO B 233 -4.75 -33.52 1.35
N PRO B 234 -4.63 -32.64 0.34
CA PRO B 234 -5.79 -31.87 -0.09
C PRO B 234 -6.62 -32.66 -1.08
N ASP B 235 -7.79 -32.15 -1.44
CA ASP B 235 -8.64 -32.76 -2.46
C ASP B 235 -8.00 -32.69 -3.85
N GLU B 236 -7.18 -31.66 -4.07
CA GLU B 236 -6.56 -31.43 -5.37
C GLU B 236 -5.32 -30.56 -5.23
N VAL B 237 -4.32 -30.82 -6.06
CA VAL B 237 -3.12 -29.99 -6.14
C VAL B 237 -3.05 -29.41 -7.56
N LYS B 238 -2.92 -28.09 -7.63
CA LYS B 238 -2.78 -27.40 -8.90
C LYS B 238 -1.43 -26.72 -8.95
N GLU B 239 -1.03 -26.32 -10.15
CA GLU B 239 0.31 -25.84 -10.38
C GLU B 239 0.26 -24.61 -11.28
N ILE B 240 1.01 -23.58 -10.89
CA ILE B 240 1.20 -22.42 -11.75
C ILE B 240 2.69 -22.31 -12.06
N GLU B 241 3.02 -22.57 -13.32
CA GLU B 241 4.40 -22.58 -13.79
C GLU B 241 5.00 -21.18 -13.89
N GLY B 242 6.28 -21.07 -13.56
CA GLY B 242 7.03 -19.82 -13.69
C GLY B 242 6.66 -18.77 -12.65
N SER B 243 5.93 -19.19 -11.62
CA SER B 243 5.54 -18.28 -10.56
C SER B 243 6.61 -18.26 -9.47
N ASP B 244 6.97 -17.06 -9.01
CA ASP B 244 7.73 -16.93 -7.78
C ASP B 244 6.77 -17.06 -6.61
N HIS B 245 7.25 -16.74 -5.41
CA HIS B 245 6.43 -16.86 -4.20
C HIS B 245 5.13 -16.04 -4.29
N VAL B 246 5.23 -14.82 -4.82
CA VAL B 246 4.06 -13.94 -4.96
C VAL B 246 3.34 -14.14 -6.31
N THR B 247 2.65 -15.26 -6.45
CA THR B 247 1.89 -15.61 -7.65
C THR B 247 0.96 -14.48 -8.12
N MET B 248 0.33 -13.79 -7.18
CA MET B 248 -0.59 -12.68 -7.49
C MET B 248 0.12 -11.46 -8.13
N MET B 249 1.45 -11.43 -8.04
CA MET B 249 2.27 -10.43 -8.73
C MET B 249 2.84 -10.94 -10.06
N SER B 250 3.46 -12.12 -10.04
CA SER B 250 4.20 -12.64 -11.19
C SER B 250 3.32 -13.38 -12.20
N LYS B 251 2.25 -14.03 -11.74
CA LYS B 251 1.34 -14.74 -12.65
C LYS B 251 -0.13 -14.43 -12.36
N PRO B 252 -0.51 -13.14 -12.40
CA PRO B 252 -1.86 -12.78 -11.95
C PRO B 252 -3.01 -13.35 -12.78
N GLN B 253 -2.86 -13.37 -14.10
CA GLN B 253 -3.95 -13.83 -14.97
C GLN B 253 -4.16 -15.35 -14.82
N GLN B 254 -3.05 -16.08 -14.73
CA GLN B 254 -3.09 -17.53 -14.53
C GLN B 254 -3.71 -17.89 -13.17
N LEU B 255 -3.33 -17.15 -12.13
CA LEU B 255 -3.94 -17.36 -10.81
C LEU B 255 -5.44 -17.12 -10.87
N PHE B 256 -5.84 -16.05 -11.55
CA PHE B 256 -7.26 -15.69 -11.67
C PHE B 256 -8.10 -16.79 -12.34
N THR B 257 -7.66 -17.25 -13.51
CA THR B 257 -8.39 -18.30 -14.23
C THR B 257 -8.46 -19.61 -13.41
N THR B 258 -7.38 -19.91 -12.69
CA THR B 258 -7.34 -21.06 -11.80
C THR B 258 -8.36 -20.93 -10.66
N LEU B 259 -8.42 -19.74 -10.06
CA LEU B 259 -9.37 -19.50 -8.98
C LEU B 259 -10.82 -19.64 -9.46
N LEU B 260 -11.10 -19.12 -10.64
CA LEU B 260 -12.45 -19.26 -11.22
C LEU B 260 -12.82 -20.71 -11.46
N SER B 261 -11.87 -21.47 -11.98
CA SER B 261 -12.00 -22.90 -12.23
C SER B 261 -12.27 -23.69 -10.93
N ILE B 262 -11.48 -23.41 -9.89
CA ILE B 262 -11.67 -24.00 -8.56
C ILE B 262 -13.07 -23.67 -8.02
N ALA B 263 -13.46 -22.40 -8.12
CA ALA B 263 -14.77 -21.94 -7.70
C ALA B 263 -15.91 -22.64 -8.43
N ASN B 264 -15.75 -22.85 -9.73
CA ASN B 264 -16.77 -23.55 -10.52
C ASN B 264 -16.87 -25.03 -10.19
N LYS B 265 -15.72 -25.65 -9.91
CA LYS B 265 -15.66 -27.08 -9.62
C LYS B 265 -16.32 -27.44 -8.29
N TYR B 266 -16.10 -26.61 -7.27
CA TYR B 266 -16.60 -26.92 -5.92
C TYR B 266 -17.81 -26.10 -5.47
N LYS B 267 -18.47 -25.41 -6.40
CA LYS B 267 -19.67 -24.64 -6.05
C LYS B 267 -20.87 -25.55 -5.76
C1 DKA C . -6.19 17.21 -3.29
O1 DKA C . -5.70 18.30 -3.69
C2 DKA C . -7.09 17.20 -2.07
C3 DKA C . -6.96 18.47 -1.23
C4 DKA C . -7.93 18.45 -0.03
C5 DKA C . -7.44 19.39 1.06
C6 DKA C . -8.55 19.75 2.04
C7 DKA C . -8.04 20.57 3.22
C8 DKA C . -8.30 22.07 3.00
C9 DKA C . -7.98 22.88 4.25
C10 DKA C . -9.03 23.95 4.50
O2 DKA C . -5.97 16.13 -3.88
C12 DK3 D . 6.94 -18.94 14.22
C13 DK3 D . 6.84 -12.68 2.34
C11 DK3 D . 6.07 -17.79 13.72
O3 DK3 D . 8.15 -18.23 4.02
C3 DK3 D . 7.05 -17.31 4.14
C2 DK3 D . 7.57 -15.88 3.98
C1 DK3 D . 6.65 -15.10 3.08
O1 DK3 D . 7.20 -14.06 2.20
O2 DK3 D . 5.45 -15.34 3.07
C4 DK3 D . 6.31 -17.55 5.46
C5 DK3 D . 6.72 -16.63 6.62
C6 DK3 D . 6.84 -17.39 7.93
C7 DK3 D . 7.25 -16.46 9.07
C8 DK3 D . 7.46 -17.22 10.37
C9 DK3 D . 6.33 -16.96 11.37
C10 DK3 D . 6.86 -16.87 12.79
#